data_5J02
#
_entry.id   5J02
#
_cell.length_a   85.020
_cell.length_b   100.600
_cell.length_c   220.540
_cell.angle_alpha   90.000
_cell.angle_beta   90.000
_cell.angle_gamma   90.000
#
_symmetry.space_group_name_H-M   'P 21 21 21'
#
loop_
_entity.id
_entity.type
_entity.pdbx_description
1 polymer 'GROUP II INTRON LARIAT'
2 polymer "5' EXON ANALOG (5'-R(*CP*UP*GP*UP*UP*AP*(5MU))-3')"
3 non-polymer 'MAGNESIUM ION'
4 non-polymer 'AMMONIUM ION'
5 water water
#
loop_
_entity_poly.entity_id
_entity_poly.type
_entity_poly.pdbx_seq_one_letter_code
_entity_poly.pdbx_strand_id
1 'polyribonucleotide'
;GUGUGCCCGGCAUGGGUGCAGUCUAUAGGGUGAGAGUCCCGAACUGUGAAGGCAGAAGUAACAGUUAGCCUAACGCAACU
GCGCCGUGGCGACAUGGCGUGGGAAGGAAGCGGACGGCAAACCUUCGGUCUGAGGAACACGAACUUCAUAUGAGGCUAGG
UAUCAAUGGAUGAGUUUGCAUAACAAAACAAAGUCCUUUCUGCCAAAGUUGGUACAGAGUAAAUGAAGCAGAUUGAUGAA
GGGAAAGACUGCAUUCUUACCCGGGGAGGUCUGGAAACAGAAGUCAGCAGAAGUCAUAGUACCCUGUUCGCAGGGGAAGG
ACGGAACAAGUAUGGCGUUCGCGCCUAAGCUUGAACCGCCGUAUACCGAACGGUACGUACGGUGGUGUGGCAGGGGCGCU
UCGGCCCCCUAUGCCGAU
;
A
2 'polyribonucleotide' CUGUUA(6F7) B
#